data_4K2D
#
_entry.id   4K2D
#
_cell.length_a   59.320
_cell.length_b   62.300
_cell.length_c   68.780
_cell.angle_alpha   90.000
_cell.angle_beta   90.000
_cell.angle_gamma   90.000
#
_symmetry.space_group_name_H-M   'P 21 21 21'
#
loop_
_entity.id
_entity.type
_entity.pdbx_description
1 polymer 'Thiol:disulfide interchange protein'
2 non-polymer GLYCEROL
3 water water
#
_entity_poly.entity_id   1
_entity_poly.type   'polypeptide(L)'
_entity_poly.pdbx_seq_one_letter_code
;SNAAGFAQASPSAPVAGKDFEVMKSPQPVSAPAGKVEVIEFFWYGCPHCYEFEPTIEAWVKKQGDKIAFKRVPVAFRDDF
VPHSKLFYALAALGVSEKVTPAVFNAIHKEKNYLLTPQAQADFLATQGVDKKKFLDAYNSFSVQGQVKQSAELLKNYNID
GVPTIVVQGKYKTGPAYTNSLEGTAQVLDFLVKQVQDKKL
;
_entity_poly.pdbx_strand_id   A
#
loop_
_chem_comp.id
_chem_comp.type
_chem_comp.name
_chem_comp.formula
GOL non-polymer GLYCEROL 'C3 H8 O3'
#
# COMPACT_ATOMS: atom_id res chain seq x y z
N SER A 10 19.44 15.63 14.86
CA SER A 10 18.73 15.11 16.01
C SER A 10 17.76 16.13 16.60
N PRO A 11 18.08 17.44 16.49
CA PRO A 11 17.01 18.39 16.73
C PRO A 11 16.03 18.38 15.54
N SER A 12 16.48 17.82 14.43
CA SER A 12 15.67 17.75 13.24
C SER A 12 15.04 16.36 13.09
N ALA A 13 15.26 15.49 14.08
CA ALA A 13 14.73 14.13 14.01
C ALA A 13 13.21 14.14 14.10
N PRO A 14 12.56 13.21 13.39
CA PRO A 14 11.11 13.11 13.51
C PRO A 14 10.71 13.01 14.96
N VAL A 15 9.59 13.65 15.29
CA VAL A 15 9.09 13.71 16.65
C VAL A 15 7.99 12.68 16.87
N ALA A 16 8.26 11.74 17.78
CA ALA A 16 7.31 10.71 18.15
C ALA A 16 6.01 11.33 18.68
N GLY A 17 4.87 10.92 18.14
CA GLY A 17 3.59 11.47 18.53
C GLY A 17 3.13 12.48 17.50
N LYS A 18 4.08 13.09 16.80
CA LYS A 18 3.74 14.08 15.77
C LYS A 18 4.04 13.56 14.35
N ASP A 19 5.30 13.31 14.05
CA ASP A 19 5.67 12.86 12.71
C ASP A 19 5.38 11.37 12.49
N PHE A 20 5.16 10.64 13.59
CA PHE A 20 4.77 9.24 13.47
C PHE A 20 4.07 8.87 14.77
N GLU A 21 3.37 7.75 14.77
CA GLU A 21 2.59 7.27 15.93
C GLU A 21 3.11 5.93 16.37
N VAL A 22 3.26 5.76 17.69
CA VAL A 22 3.69 4.49 18.23
C VAL A 22 2.39 3.74 18.55
N MET A 23 2.09 2.69 17.79
CA MET A 23 0.86 1.93 17.97
C MET A 23 0.76 1.33 19.35
N LYS A 24 -0.40 1.48 19.98
CA LYS A 24 -0.67 0.93 21.29
C LYS A 24 -0.72 -0.60 21.24
N SER A 25 -1.17 -1.14 20.11
CA SER A 25 -1.22 -2.59 19.92
CA SER A 25 -1.22 -2.60 19.92
C SER A 25 -0.41 -3.00 18.70
N PRO A 26 0.91 -3.20 18.89
CA PRO A 26 1.74 -3.55 17.72
C PRO A 26 1.30 -4.88 17.12
N GLN A 27 1.56 -5.07 15.84
CA GLN A 27 1.08 -6.26 15.13
C GLN A 27 2.20 -7.24 14.78
N PRO A 28 1.85 -8.51 14.56
CA PRO A 28 2.90 -9.46 14.21
C PRO A 28 3.63 -9.01 12.93
N VAL A 29 4.95 -9.19 12.93
CA VAL A 29 5.80 -8.79 11.82
C VAL A 29 6.05 -9.99 10.93
N SER A 30 5.74 -9.85 9.66
CA SER A 30 5.83 -10.97 8.73
C SER A 30 7.13 -10.92 8.00
N ALA A 31 8.20 -10.89 8.76
CA ALA A 31 9.52 -10.83 8.19
C ALA A 31 10.51 -11.50 9.14
N PRO A 32 11.54 -12.12 8.56
CA PRO A 32 12.57 -12.78 9.35
C PRO A 32 13.49 -11.75 10.00
N ALA A 33 14.07 -12.10 11.15
CA ALA A 33 15.07 -11.25 11.79
C ALA A 33 16.05 -10.75 10.74
N GLY A 34 16.45 -9.49 10.82
CA GLY A 34 17.35 -8.93 9.81
C GLY A 34 16.67 -8.21 8.66
N LYS A 35 15.34 -8.30 8.57
CA LYS A 35 14.59 -7.47 7.64
C LYS A 35 13.59 -6.66 8.42
N VAL A 36 13.50 -5.38 8.09
CA VAL A 36 12.47 -4.51 8.64
C VAL A 36 11.24 -4.55 7.74
N GLU A 37 10.08 -4.82 8.35
CA GLU A 37 8.81 -4.86 7.64
C GLU A 37 8.30 -3.43 7.41
N VAL A 38 7.90 -3.16 6.17
CA VAL A 38 7.30 -1.88 5.81
C VAL A 38 6.03 -2.18 5.05
N ILE A 39 4.92 -1.61 5.52
CA ILE A 39 3.62 -1.84 4.89
C ILE A 39 3.04 -0.50 4.43
N GLU A 40 2.59 -0.43 3.17
CA GLU A 40 1.92 0.78 2.69
C GLU A 40 0.44 0.44 2.46
N PHE A 41 -0.41 0.98 3.32
CA PHE A 41 -1.83 1.00 3.06
C PHE A 41 -2.13 2.12 2.05
N PHE A 42 -2.80 1.79 0.96
CA PHE A 42 -3.05 2.76 -0.10
C PHE A 42 -4.39 2.49 -0.80
N TRP A 43 -4.87 3.46 -1.59
CA TRP A 43 -6.02 3.26 -2.42
C TRP A 43 -5.69 3.79 -3.83
N TYR A 44 -6.01 3.02 -4.86
CA TYR A 44 -5.69 3.46 -6.20
C TYR A 44 -6.25 4.86 -6.49
N GLY A 45 -7.41 5.19 -5.91
CA GLY A 45 -8.09 6.44 -6.21
C GLY A 45 -7.58 7.66 -5.46
N CYS A 46 -6.57 7.46 -4.61
CA CYS A 46 -6.08 8.53 -3.74
CA CYS A 46 -6.06 8.53 -3.75
C CYS A 46 -4.95 9.32 -4.43
N PRO A 47 -5.19 10.62 -4.67
CA PRO A 47 -4.16 11.40 -5.36
C PRO A 47 -2.78 11.40 -4.68
N HIS A 48 -2.73 11.42 -3.35
CA HIS A 48 -1.47 11.35 -2.64
CA HIS A 48 -1.45 11.37 -2.66
C HIS A 48 -0.79 9.98 -2.86
N CYS A 49 -1.58 8.91 -2.87
CA CYS A 49 -1.01 7.60 -3.07
CA CYS A 49 -1.02 7.58 -3.10
C CYS A 49 -0.40 7.54 -4.49
N TYR A 50 -1.10 8.10 -5.45
CA TYR A 50 -0.61 8.15 -6.81
C TYR A 50 0.70 8.96 -6.87
N GLU A 51 0.72 10.16 -6.31
CA GLU A 51 1.95 10.96 -6.34
C GLU A 51 3.13 10.32 -5.65
N PHE A 52 2.84 9.55 -4.59
CA PHE A 52 3.88 8.88 -3.80
C PHE A 52 4.50 7.66 -4.47
N GLU A 53 3.83 7.10 -5.49
CA GLU A 53 4.29 5.86 -6.07
C GLU A 53 5.75 5.89 -6.50
N PRO A 54 6.16 6.91 -7.27
CA PRO A 54 7.57 6.85 -7.72
C PRO A 54 8.55 6.98 -6.54
N THR A 55 8.12 7.68 -5.50
CA THR A 55 8.96 7.95 -4.35
C THR A 55 9.15 6.69 -3.52
N ILE A 56 8.07 5.98 -3.23
CA ILE A 56 8.17 4.77 -2.44
C ILE A 56 8.80 3.63 -3.26
N GLU A 57 8.44 3.51 -4.54
CA GLU A 57 9.06 2.53 -5.39
C GLU A 57 10.58 2.65 -5.37
N ALA A 58 11.11 3.86 -5.56
CA ALA A 58 12.57 4.01 -5.60
C ALA A 58 13.20 3.66 -4.23
N TRP A 59 12.57 4.10 -3.16
CA TRP A 59 13.10 3.92 -1.83
C TRP A 59 13.14 2.39 -1.54
N VAL A 60 12.07 1.70 -1.87
CA VAL A 60 11.99 0.26 -1.65
C VAL A 60 13.08 -0.47 -2.42
N LYS A 61 13.22 -0.15 -3.69
CA LYS A 61 14.24 -0.78 -4.51
C LYS A 61 15.61 -0.51 -3.93
N LYS A 62 15.82 0.69 -3.44
CA LYS A 62 17.12 1.04 -2.86
C LYS A 62 17.44 0.24 -1.57
N GLN A 63 16.43 -0.11 -0.77
CA GLN A 63 16.70 -0.86 0.45
C GLN A 63 17.03 -2.33 0.18
N GLY A 64 16.49 -2.88 -0.90
CA GLY A 64 16.78 -4.26 -1.26
C GLY A 64 16.34 -5.22 -0.16
N ASP A 65 17.25 -6.14 0.14
CA ASP A 65 17.01 -7.23 1.09
CA ASP A 65 17.03 -7.23 1.08
C ASP A 65 16.93 -6.77 2.53
N LYS A 66 17.15 -5.48 2.77
CA LYS A 66 17.09 -4.97 4.12
C LYS A 66 15.66 -4.88 4.68
N ILE A 67 14.65 -4.91 3.82
CA ILE A 67 13.28 -4.75 4.26
C ILE A 67 12.38 -5.77 3.58
N ALA A 68 11.21 -5.98 4.15
CA ALA A 68 10.17 -6.79 3.55
C ALA A 68 8.99 -5.84 3.39
N PHE A 69 8.70 -5.49 2.13
CA PHE A 69 7.73 -4.46 1.80
C PHE A 69 6.49 -5.08 1.17
N LYS A 70 5.32 -4.58 1.57
CA LYS A 70 4.09 -4.93 0.89
C LYS A 70 3.12 -3.76 0.89
N ARG A 71 2.23 -3.75 -0.10
CA ARG A 71 1.11 -2.86 -0.06
C ARG A 71 -0.14 -3.61 0.35
N VAL A 72 -1.05 -2.89 0.99
CA VAL A 72 -2.37 -3.42 1.32
C VAL A 72 -3.40 -2.40 0.77
N PRO A 73 -4.29 -2.84 -0.13
CA PRO A 73 -5.28 -1.88 -0.63
C PRO A 73 -6.37 -1.56 0.40
N VAL A 74 -6.93 -0.35 0.30
CA VAL A 74 -7.92 0.12 1.24
C VAL A 74 -9.20 0.50 0.51
N ALA A 75 -10.32 -0.04 1.03
CA ALA A 75 -11.64 0.28 0.52
C ALA A 75 -12.43 0.89 1.63
N PHE A 76 -12.49 2.21 1.67
CA PHE A 76 -13.21 2.90 2.75
C PHE A 76 -14.73 2.84 2.61
N ARG A 77 -15.21 2.43 1.44
CA ARG A 77 -16.65 2.28 1.18
C ARG A 77 -16.85 1.07 0.30
N ASP A 78 -18.06 0.55 0.30
CA ASP A 78 -18.45 -0.64 -0.48
C ASP A 78 -18.17 -0.46 -1.96
N ASP A 79 -18.43 0.74 -2.47
CA ASP A 79 -18.17 1.06 -3.87
C ASP A 79 -16.72 0.84 -4.31
N PHE A 80 -15.79 0.92 -3.39
CA PHE A 80 -14.39 0.78 -3.74
C PHE A 80 -13.82 -0.63 -3.45
N VAL A 81 -14.63 -1.54 -2.95
CA VAL A 81 -14.13 -2.91 -2.77
C VAL A 81 -13.61 -3.50 -4.10
N PRO A 82 -14.24 -3.18 -5.22
CA PRO A 82 -13.69 -3.67 -6.48
C PRO A 82 -12.23 -3.22 -6.70
N HIS A 83 -11.78 -2.13 -6.09
CA HIS A 83 -10.37 -1.78 -6.19
C HIS A 83 -9.45 -2.68 -5.39
N SER A 84 -9.95 -3.25 -4.31
CA SER A 84 -9.15 -4.21 -3.57
C SER A 84 -9.10 -5.52 -4.32
N LYS A 85 -10.21 -5.89 -4.94
CA LYS A 85 -10.27 -7.09 -5.75
C LYS A 85 -9.30 -6.95 -6.94
N LEU A 86 -9.32 -5.78 -7.54
CA LEU A 86 -8.39 -5.48 -8.65
C LEU A 86 -6.95 -5.69 -8.23
N PHE A 87 -6.56 -5.12 -7.08
CA PHE A 87 -5.18 -5.25 -6.58
C PHE A 87 -4.74 -6.70 -6.47
N TYR A 88 -5.58 -7.53 -5.86
CA TYR A 88 -5.22 -8.93 -5.64
C TYR A 88 -5.34 -9.75 -6.93
N ALA A 89 -6.24 -9.38 -7.83
CA ALA A 89 -6.38 -10.09 -9.08
C ALA A 89 -5.13 -9.83 -9.93
N LEU A 90 -4.65 -8.58 -9.94
CA LEU A 90 -3.41 -8.31 -10.67
C LEU A 90 -2.25 -9.13 -10.11
N ALA A 91 -2.11 -9.19 -8.79
CA ALA A 91 -1.05 -9.98 -8.17
C ALA A 91 -1.21 -11.45 -8.48
N ALA A 92 -2.44 -11.92 -8.47
CA ALA A 92 -2.67 -13.34 -8.80
C ALA A 92 -2.20 -13.67 -10.22
N LEU A 93 -2.35 -12.73 -11.13
CA LEU A 93 -1.98 -12.97 -12.52
C LEU A 93 -0.50 -12.73 -12.76
N GLY A 94 0.17 -12.17 -11.76
CA GLY A 94 1.59 -11.86 -11.87
C GLY A 94 1.88 -10.62 -12.72
N VAL A 95 0.92 -9.72 -12.87
CA VAL A 95 1.10 -8.57 -13.80
C VAL A 95 1.08 -7.19 -13.14
N SER A 96 1.17 -7.18 -11.82
CA SER A 96 1.06 -5.93 -11.07
C SER A 96 2.10 -4.91 -11.50
N GLU A 97 3.33 -5.40 -11.66
CA GLU A 97 4.46 -4.52 -11.92
C GLU A 97 4.21 -3.84 -13.25
N LYS A 98 3.72 -4.62 -14.20
CA LYS A 98 3.58 -4.12 -15.57
C LYS A 98 2.45 -3.12 -15.73
N VAL A 99 1.28 -3.42 -15.18
CA VAL A 99 0.08 -2.66 -15.55
C VAL A 99 -0.37 -1.62 -14.52
N THR A 100 0.20 -1.65 -13.32
CA THR A 100 -0.25 -0.74 -12.28
C THR A 100 -0.12 0.76 -12.64
N PRO A 101 1.00 1.17 -13.24
CA PRO A 101 1.09 2.58 -13.65
C PRO A 101 -0.08 2.95 -14.52
N ALA A 102 -0.43 2.08 -15.47
CA ALA A 102 -1.56 2.37 -16.37
C ALA A 102 -2.90 2.44 -15.60
N VAL A 103 -3.04 1.64 -14.56
CA VAL A 103 -4.25 1.70 -13.74
C VAL A 103 -4.35 3.05 -13.04
N PHE A 104 -3.28 3.48 -12.38
CA PHE A 104 -3.29 4.78 -11.74
C PHE A 104 -3.61 5.87 -12.75
N ASN A 105 -3.02 5.76 -13.93
CA ASN A 105 -3.22 6.77 -14.95
C ASN A 105 -4.66 6.80 -15.42
N ALA A 106 -5.28 5.63 -15.58
CA ALA A 106 -6.66 5.60 -16.02
C ALA A 106 -7.51 6.43 -15.06
N ILE A 107 -7.28 6.23 -13.77
CA ILE A 107 -8.12 6.83 -12.74
C ILE A 107 -7.84 8.30 -12.63
N HIS A 108 -6.56 8.65 -12.51
CA HIS A 108 -6.19 10.03 -12.22
C HIS A 108 -6.08 10.98 -13.39
N LYS A 109 -5.74 10.46 -14.57
CA LYS A 109 -5.65 11.31 -15.75
C LYS A 109 -6.78 11.11 -16.74
N GLU A 110 -7.21 9.88 -16.97
CA GLU A 110 -8.27 9.62 -17.95
C GLU A 110 -9.63 9.69 -17.28
N LYS A 111 -9.62 9.81 -15.96
CA LYS A 111 -10.86 9.92 -15.19
C LYS A 111 -11.76 8.69 -15.35
N ASN A 112 -11.16 7.53 -15.58
CA ASN A 112 -11.89 6.27 -15.61
C ASN A 112 -11.73 5.58 -14.23
N TYR A 113 -12.77 5.58 -13.39
CA TYR A 113 -12.61 5.11 -12.00
C TYR A 113 -12.57 3.58 -11.83
N LEU A 114 -12.79 2.85 -12.92
CA LEU A 114 -12.64 1.38 -12.89
C LEU A 114 -13.35 0.76 -11.70
N LEU A 115 -14.64 1.00 -11.63
CA LEU A 115 -15.44 0.71 -10.44
C LEU A 115 -16.12 -0.64 -10.51
N THR A 116 -16.01 -1.32 -11.66
CA THR A 116 -16.64 -2.62 -11.83
C THR A 116 -15.66 -3.61 -12.47
N PRO A 117 -15.87 -4.92 -12.24
CA PRO A 117 -15.03 -5.92 -12.91
C PRO A 117 -15.05 -5.78 -14.45
N GLN A 118 -16.21 -5.48 -15.03
CA GLN A 118 -16.24 -5.32 -16.48
C GLN A 118 -15.45 -4.09 -16.94
N ALA A 119 -15.49 -3.01 -16.17
CA ALA A 119 -14.71 -1.83 -16.59
C ALA A 119 -13.22 -2.16 -16.46
N GLN A 120 -12.86 -2.92 -15.44
CA GLN A 120 -11.46 -3.28 -15.23
C GLN A 120 -10.95 -4.23 -16.32
N ALA A 121 -11.73 -5.25 -16.64
CA ALA A 121 -11.38 -6.20 -17.69
C ALA A 121 -11.25 -5.48 -19.04
N ASP A 122 -12.22 -4.64 -19.37
CA ASP A 122 -12.14 -3.92 -20.63
C ASP A 122 -10.86 -3.08 -20.70
N PHE A 123 -10.57 -2.35 -19.64
CA PHE A 123 -9.34 -1.53 -19.62
C PHE A 123 -8.08 -2.38 -19.67
N LEU A 124 -7.99 -3.38 -18.82
CA LEU A 124 -6.78 -4.17 -18.78
C LEU A 124 -6.56 -4.92 -20.08
N ALA A 125 -7.63 -5.16 -20.84
CA ALA A 125 -7.48 -5.79 -22.15
C ALA A 125 -6.63 -4.90 -23.09
N THR A 126 -6.71 -3.59 -22.92
CA THR A 126 -5.94 -2.70 -23.76
C THR A 126 -4.49 -2.73 -23.32
N GLN A 127 -4.25 -3.32 -22.15
CA GLN A 127 -2.88 -3.41 -21.65
C GLN A 127 -2.35 -4.84 -21.78
N GLY A 128 -3.05 -5.67 -22.54
CA GLY A 128 -2.54 -6.99 -22.89
C GLY A 128 -2.97 -8.10 -21.94
N VAL A 129 -3.88 -7.78 -21.02
CA VAL A 129 -4.36 -8.80 -20.10
C VAL A 129 -5.59 -9.50 -20.70
N ASP A 130 -5.61 -10.82 -20.71
CA ASP A 130 -6.77 -11.54 -21.19
C ASP A 130 -7.98 -11.31 -20.28
N LYS A 131 -9.14 -10.98 -20.85
CA LYS A 131 -10.34 -10.69 -20.04
C LYS A 131 -10.83 -11.86 -19.18
N LYS A 132 -10.86 -13.05 -19.77
CA LYS A 132 -11.38 -14.21 -19.06
C LYS A 132 -10.46 -14.56 -17.90
N LYS A 133 -9.15 -14.52 -18.14
CA LYS A 133 -8.20 -14.76 -17.05
C LYS A 133 -8.35 -13.72 -15.94
N PHE A 134 -8.49 -12.44 -16.31
CA PHE A 134 -8.68 -11.44 -15.30
C PHE A 134 -9.94 -11.64 -14.46
N LEU A 135 -11.08 -11.84 -15.12
CA LEU A 135 -12.35 -11.98 -14.42
C LEU A 135 -12.36 -13.23 -13.50
N ASP A 136 -11.72 -14.31 -13.97
CA ASP A 136 -11.60 -15.55 -13.17
C ASP A 136 -10.77 -15.28 -11.93
N ALA A 137 -9.72 -14.50 -12.08
CA ALA A 137 -9.01 -14.04 -10.89
C ALA A 137 -9.85 -13.14 -9.97
N TYR A 138 -10.47 -12.13 -10.55
CA TYR A 138 -11.28 -11.18 -9.79
C TYR A 138 -12.33 -11.92 -8.96
N ASN A 139 -12.90 -12.96 -9.55
CA ASN A 139 -14.01 -13.67 -8.91
C ASN A 139 -13.55 -14.87 -8.08
N SER A 140 -12.24 -15.08 -7.96
CA SER A 140 -11.71 -16.28 -7.34
C SER A 140 -11.88 -16.28 -5.83
N PHE A 141 -11.95 -17.49 -5.25
CA PHE A 141 -12.08 -17.62 -3.83
C PHE A 141 -10.85 -17.05 -3.13
N SER A 142 -9.71 -17.27 -3.75
CA SER A 142 -8.45 -16.84 -3.19
C SER A 142 -8.39 -15.31 -3.11
N VAL A 143 -8.76 -14.65 -4.21
CA VAL A 143 -8.80 -13.19 -4.16
C VAL A 143 -9.84 -12.70 -3.16
N GLN A 144 -10.99 -13.37 -3.07
CA GLN A 144 -12.00 -12.96 -2.08
CA GLN A 144 -12.00 -12.98 -2.08
C GLN A 144 -11.41 -13.03 -0.68
N GLY A 145 -10.68 -14.10 -0.39
CA GLY A 145 -10.04 -14.25 0.91
C GLY A 145 -9.06 -13.12 1.22
N GLN A 146 -8.27 -12.73 0.24
CA GLN A 146 -7.31 -11.65 0.45
C GLN A 146 -7.98 -10.31 0.67
N VAL A 147 -9.08 -10.07 -0.05
CA VAL A 147 -9.81 -8.83 0.15
C VAL A 147 -10.42 -8.79 1.58
N LYS A 148 -11.03 -9.89 2.04
CA LYS A 148 -11.61 -9.90 3.39
C LYS A 148 -10.45 -9.72 4.38
N GLN A 149 -9.32 -10.34 4.08
CA GLN A 149 -8.15 -10.15 4.92
C GLN A 149 -7.66 -8.69 4.99
N SER A 150 -7.63 -8.01 3.85
CA SER A 150 -7.19 -6.60 3.83
C SER A 150 -8.10 -5.72 4.69
N ALA A 151 -9.39 -6.03 4.71
CA ALA A 151 -10.33 -5.30 5.51
C ALA A 151 -10.07 -5.53 7.02
N GLU A 152 -9.66 -6.73 7.40
CA GLU A 152 -9.34 -7.02 8.82
C GLU A 152 -8.05 -6.24 9.17
N LEU A 153 -7.10 -6.17 8.24
CA LEU A 153 -5.81 -5.46 8.52
C LEU A 153 -6.05 -3.96 8.76
N LEU A 154 -6.95 -3.37 7.99
CA LEU A 154 -7.37 -1.99 8.20
C LEU A 154 -7.76 -1.75 9.65
N LYS A 155 -8.54 -2.67 10.19
CA LYS A 155 -8.94 -2.55 11.58
C LYS A 155 -7.78 -2.83 12.54
N ASN A 156 -6.99 -3.86 12.26
CA ASN A 156 -5.92 -4.29 13.17
C ASN A 156 -4.85 -3.22 13.35
N TYR A 157 -4.59 -2.48 12.28
CA TYR A 157 -3.60 -1.40 12.33
C TYR A 157 -4.23 -0.01 12.56
N ASN A 158 -5.53 0.04 12.87
CA ASN A 158 -6.26 1.32 13.04
C ASN A 158 -5.97 2.36 11.97
N ILE A 159 -6.12 1.96 10.71
CA ILE A 159 -5.87 2.84 9.57
C ILE A 159 -7.10 3.68 9.22
N ASP A 160 -6.95 5.01 9.17
CA ASP A 160 -8.09 5.87 8.84
C ASP A 160 -7.77 6.95 7.79
N GLY A 161 -6.66 6.77 7.09
CA GLY A 161 -6.31 7.59 5.95
C GLY A 161 -5.27 6.87 5.13
N VAL A 162 -5.13 7.28 3.87
CA VAL A 162 -4.11 6.76 2.98
C VAL A 162 -3.36 7.93 2.31
N PRO A 163 -2.09 7.70 1.96
CA PRO A 163 -1.34 6.47 2.27
C PRO A 163 -0.90 6.48 3.72
N THR A 164 -0.89 5.29 4.33
CA THR A 164 -0.31 5.14 5.67
C THR A 164 0.81 4.11 5.55
N ILE A 165 1.95 4.46 6.07
CA ILE A 165 3.11 3.59 6.10
C ILE A 165 3.27 3.03 7.52
N VAL A 166 3.45 1.72 7.66
CA VAL A 166 3.71 1.12 8.96
C VAL A 166 5.06 0.42 8.93
N VAL A 167 5.85 0.71 9.96
CA VAL A 167 7.17 0.13 10.11
C VAL A 167 7.23 -0.82 11.30
N GLN A 168 7.61 -2.06 11.02
CA GLN A 168 7.90 -3.10 12.01
C GLN A 168 6.66 -3.39 12.88
N GLY A 169 5.50 -3.22 12.27
CA GLY A 169 4.23 -3.45 12.93
C GLY A 169 3.96 -2.52 14.12
N LYS A 170 4.73 -1.43 14.28
CA LYS A 170 4.59 -0.63 15.49
CA LYS A 170 4.74 -0.63 15.51
C LYS A 170 4.57 0.88 15.28
N TYR A 171 5.13 1.37 14.17
CA TYR A 171 5.21 2.82 13.94
C TYR A 171 4.51 3.22 12.66
N LYS A 172 3.63 4.22 12.75
CA LYS A 172 2.83 4.62 11.59
C LYS A 172 3.16 6.03 11.20
N THR A 173 3.28 6.28 9.90
CA THR A 173 3.43 7.65 9.42
C THR A 173 2.70 7.76 8.10
N GLY A 174 2.81 8.92 7.49
CA GLY A 174 2.08 9.24 6.28
C GLY A 174 1.81 10.76 6.24
N PRO A 175 1.26 11.27 5.15
CA PRO A 175 1.07 12.71 5.05
C PRO A 175 0.07 13.29 6.07
N ALA A 176 -0.79 12.45 6.61
CA ALA A 176 -1.66 12.93 7.67
C ALA A 176 -0.83 13.37 8.88
N TYR A 177 0.34 12.75 9.07
CA TYR A 177 1.21 13.07 10.20
C TYR A 177 2.20 14.18 9.82
N THR A 178 2.73 14.13 8.60
CA THR A 178 3.88 14.95 8.27
C THR A 178 3.54 16.18 7.43
N ASN A 179 2.31 16.23 6.93
CA ASN A 179 1.85 17.15 5.91
C ASN A 179 2.32 16.83 4.49
N SER A 180 3.60 16.52 4.33
CA SER A 180 4.15 16.38 3.00
C SER A 180 4.54 14.95 2.69
N LEU A 181 4.57 14.63 1.39
CA LEU A 181 4.96 13.30 0.97
C LEU A 181 6.46 13.13 1.18
N GLU A 182 7.22 14.18 0.91
CA GLU A 182 8.66 14.13 1.17
C GLU A 182 8.90 13.83 2.66
N GLY A 183 8.17 14.50 3.54
CA GLY A 183 8.29 14.25 4.97
C GLY A 183 7.95 12.83 5.35
N THR A 184 6.95 12.27 4.66
CA THR A 184 6.60 10.88 4.88
C THR A 184 7.80 9.99 4.57
N ALA A 185 8.45 10.23 3.44
CA ALA A 185 9.63 9.44 3.07
C ALA A 185 10.77 9.61 4.07
N GLN A 186 10.99 10.85 4.51
CA GLN A 186 12.03 11.12 5.50
C GLN A 186 11.76 10.32 6.80
N VAL A 187 10.51 10.36 7.27
CA VAL A 187 10.17 9.68 8.52
C VAL A 187 10.35 8.16 8.36
N LEU A 188 9.89 7.63 7.25
CA LEU A 188 10.04 6.21 6.94
C LEU A 188 11.49 5.78 6.99
N ASP A 189 12.32 6.55 6.32
CA ASP A 189 13.72 6.21 6.26
C ASP A 189 14.31 6.21 7.66
N PHE A 190 13.94 7.20 8.46
CA PHE A 190 14.42 7.33 9.84
C PHE A 190 14.00 6.11 10.67
N LEU A 191 12.73 5.78 10.61
CA LEU A 191 12.19 4.69 11.41
C LEU A 191 12.91 3.37 11.09
N VAL A 192 13.08 3.07 9.81
CA VAL A 192 13.75 1.84 9.42
C VAL A 192 15.17 1.78 9.96
N LYS A 193 15.90 2.88 9.85
CA LYS A 193 17.26 2.90 10.40
C LYS A 193 17.29 2.74 11.93
N GLN A 194 16.35 3.38 12.61
CA GLN A 194 16.29 3.23 14.06
C GLN A 194 15.97 1.79 14.46
N VAL A 195 15.14 1.14 13.67
CA VAL A 195 14.78 -0.24 13.98
C VAL A 195 15.98 -1.13 13.76
N GLN A 196 16.71 -0.85 12.68
CA GLN A 196 17.93 -1.58 12.38
C GLN A 196 18.97 -1.41 13.48
N ASP A 197 19.03 -0.21 14.05
CA ASP A 197 20.00 0.11 15.09
C ASP A 197 19.50 -0.31 16.47
N LYS A 198 18.36 -1.00 16.52
CA LYS A 198 17.77 -1.43 17.78
C LYS A 198 17.51 -0.26 18.74
N LYS A 199 17.18 0.90 18.19
CA LYS A 199 16.78 2.06 18.98
C LYS A 199 15.25 2.17 19.02
N LEU A 200 14.59 1.51 18.07
CA LEU A 200 13.12 1.42 18.06
C LEU A 200 12.68 -0.01 17.69
C1 GOL B . 3.49 -0.68 -7.61
O1 GOL B . 2.20 -0.21 -7.47
C2 GOL B . 3.75 -1.03 -9.03
O2 GOL B . 4.20 0.07 -9.76
C3 GOL B . 4.71 -2.17 -9.00
O3 GOL B . 4.01 -3.32 -8.64
H11 GOL B . 3.59 -1.48 -7.07
H12 GOL B . 4.13 -0.01 -7.32
HO1 GOL B . 2.07 0.45 -8.04
H2 GOL B . 2.91 -1.34 -9.42
HO2 GOL B . 4.34 -0.16 -10.59
H31 GOL B . 5.41 -2.00 -8.36
H32 GOL B . 5.09 -2.30 -9.89
HO3 GOL B . 4.57 -4.00 -8.54
C1 GOL C . -0.11 1.00 -23.62
O1 GOL C . 0.41 0.80 -22.35
C2 GOL C . -1.58 1.25 -23.63
O2 GOL C . -1.87 2.45 -23.01
C3 GOL C . -2.11 1.32 -25.03
O3 GOL C . -2.55 2.60 -25.31
H11 GOL C . 0.08 0.20 -24.15
H12 GOL C . 0.35 1.76 -24.02
HO1 GOL C . 1.25 0.52 -22.42
H2 GOL C . -2.04 0.53 -23.16
HO2 GOL C . -1.12 2.78 -22.67
H31 GOL C . -2.86 0.70 -25.13
H32 GOL C . -1.41 1.07 -25.65
HO3 GOL C . -3.23 2.57 -25.87
C1 GOL D . 9.20 15.29 9.57
O1 GOL D . 8.14 15.60 8.74
C2 GOL D . 10.51 15.36 8.85
O2 GOL D . 10.59 16.59 8.22
C3 GOL D . 11.62 15.17 9.85
O3 GOL D . 12.84 14.88 9.27
H11 GOL D . 9.07 14.39 9.91
H12 GOL D . 9.21 15.92 10.31
HO1 GOL D . 7.39 15.58 9.21
H2 GOL D . 10.55 14.65 8.18
HO2 GOL D . 10.12 17.19 8.66
H31 GOL D . 11.38 14.44 10.44
H32 GOL D . 11.71 15.98 10.38
HO3 GOL D . 13.45 14.75 9.90
#